data_7W9R
#
_entry.id   7W9R
#
_cell.length_a   42.766
_cell.length_b   84.477
_cell.length_c   64.071
_cell.angle_alpha   90.00
_cell.angle_beta   90.00
_cell.angle_gamma   90.00
#
_symmetry.space_group_name_H-M   'P 21 21 2'
#
loop_
_entity.id
_entity.type
_entity.pdbx_description
1 polymer Transthyretin
2 non-polymer (2~{R})-2-[3,5-bis(chloranyl)-4-oxidanyl-phenyl]-5,7-bis(oxidanyl)-2,3-dihydrochromen-4-one
3 water water
#
_entity_poly.entity_id   1
_entity_poly.type   'polypeptide(L)'
_entity_poly.pdbx_seq_one_letter_code
;MRGSHHHHHHGSMASHRLLLLCLAGLVFVSEAGPTGTGESKCPLMVKVLDAVRGSPAINVAMHVFRKAADDTWEPFASGK
TSESGELHGLTTEEEFVEGIYKVEIDTKSYWKALGISPFHEHAEVVFTANDSGPRRYTIAALLSPYSYSTTAVVTNPKE
;
_entity_poly.pdbx_strand_id   A,B
#
loop_
_chem_comp.id
_chem_comp.type
_chem_comp.name
_chem_comp.formula
91C non-polymer (2~{R})-2-[3,5-bis(chloranyl)-4-oxidanyl-phenyl]-5,7-bis(oxidanyl)-2,3-dihydrochromen-4-one 'C15 H10 Cl2 O5'
#
# COMPACT_ATOMS: atom_id res chain seq x y z
N CYS A 42 15.98 -16.69 8.21
CA CYS A 42 15.38 -15.37 8.09
C CYS A 42 14.01 -15.47 7.43
N PRO A 43 12.95 -15.53 8.23
CA PRO A 43 11.62 -15.79 7.68
C PRO A 43 10.95 -14.56 7.09
N LEU A 44 11.45 -13.36 7.33
CA LEU A 44 10.83 -12.16 6.79
C LEU A 44 11.95 -11.19 6.49
N MET A 45 12.05 -10.77 5.24
CA MET A 45 13.07 -9.80 4.84
C MET A 45 12.42 -8.81 3.92
N VAL A 46 12.90 -7.58 3.94
CA VAL A 46 12.31 -6.51 3.14
C VAL A 46 13.41 -5.86 2.32
N LYS A 47 13.15 -5.66 1.03
CA LYS A 47 14.12 -5.02 0.14
C LYS A 47 13.44 -3.82 -0.51
N VAL A 48 14.13 -2.68 -0.52
CA VAL A 48 13.55 -1.45 -1.02
C VAL A 48 14.51 -0.83 -2.04
N LEU A 49 13.98 -0.47 -3.21
CA LEU A 49 14.79 0.17 -4.23
C LEU A 49 14.23 1.55 -4.58
N ASP A 50 15.12 2.40 -5.10
CA ASP A 50 14.79 3.76 -5.51
C ASP A 50 14.82 3.79 -7.04
N ALA A 51 13.67 4.06 -7.65
CA ALA A 51 13.50 4.05 -9.09
C ALA A 51 13.94 5.35 -9.75
N VAL A 52 14.23 6.39 -8.97
CA VAL A 52 14.71 7.65 -9.53
C VAL A 52 16.22 7.66 -9.67
N ARG A 53 16.92 7.13 -8.68
CA ARG A 53 18.38 7.10 -8.68
C ARG A 53 18.94 5.76 -9.14
N GLY A 54 18.10 4.73 -9.25
CA GLY A 54 18.58 3.41 -9.65
C GLY A 54 19.54 2.85 -8.64
N SER A 55 19.07 2.71 -7.41
CA SER A 55 19.94 2.38 -6.30
C SER A 55 19.09 1.70 -5.22
N PRO A 56 19.71 1.02 -4.28
CA PRO A 56 18.98 0.62 -3.08
C PRO A 56 18.47 1.88 -2.37
N ALA A 57 17.33 1.74 -1.71
CA ALA A 57 16.82 2.81 -0.84
C ALA A 57 17.42 2.56 0.55
N ILE A 58 18.38 3.38 0.93
CA ILE A 58 19.17 3.15 2.12
C ILE A 58 18.55 3.88 3.30
N ASN A 59 18.65 3.28 4.50
CA ASN A 59 18.17 3.91 5.74
C ASN A 59 16.68 4.22 5.71
N VAL A 60 15.92 3.38 5.04
CA VAL A 60 14.47 3.52 5.04
C VAL A 60 13.92 2.84 6.28
N ALA A 61 13.17 3.58 7.09
CA ALA A 61 12.60 2.98 8.30
C ALA A 61 11.36 2.17 7.94
N MET A 62 11.09 1.14 8.73
CA MET A 62 9.82 0.45 8.59
C MET A 62 9.43 -0.20 9.91
N HIS A 63 8.13 -0.41 10.02
CA HIS A 63 7.51 -0.95 11.22
C HIS A 63 6.62 -2.10 10.78
N VAL A 64 6.75 -3.24 11.46
CA VAL A 64 5.93 -4.42 11.21
C VAL A 64 4.95 -4.56 12.37
N PHE A 65 3.67 -4.70 12.04
CA PHE A 65 2.61 -4.88 13.01
C PHE A 65 1.89 -6.18 12.73
N ARG A 66 1.29 -6.73 13.76
CA ARG A 66 0.54 -7.96 13.67
C ARG A 66 -0.84 -7.71 14.26
N LYS A 67 -1.87 -8.23 13.60
CA LYS A 67 -3.23 -7.99 14.09
C LYS A 67 -3.47 -8.83 15.34
N ALA A 68 -3.98 -8.19 16.39
CA ALA A 68 -4.20 -8.87 17.66
C ALA A 68 -5.63 -9.41 17.74
N ALA A 69 -5.93 -10.05 18.87
CA ALA A 69 -7.26 -10.62 19.06
C ALA A 69 -8.34 -9.55 19.07
N ASP A 70 -8.06 -8.41 19.71
CA ASP A 70 -8.99 -7.30 19.76
C ASP A 70 -8.99 -6.47 18.48
N ASP A 71 -8.49 -7.05 17.38
CA ASP A 71 -8.45 -6.41 16.07
C ASP A 71 -7.72 -5.07 16.08
N THR A 72 -6.79 -4.88 17.00
CA THR A 72 -5.85 -3.77 16.98
C THR A 72 -4.51 -4.24 16.43
N TRP A 73 -3.75 -3.31 15.85
CA TRP A 73 -2.42 -3.62 15.34
C TRP A 73 -1.41 -3.55 16.47
N GLU A 74 -0.75 -4.67 16.75
CA GLU A 74 0.27 -4.62 17.78
C GLU A 74 1.67 -4.59 17.17
N PRO A 75 2.56 -3.76 17.72
CA PRO A 75 3.94 -3.70 17.20
C PRO A 75 4.60 -5.07 17.27
N PHE A 76 5.23 -5.45 16.16
CA PHE A 76 5.85 -6.76 16.05
C PHE A 76 7.36 -6.68 15.84
N ALA A 77 7.83 -5.77 15.00
CA ALA A 77 9.26 -5.62 14.71
C ALA A 77 9.46 -4.31 13.95
N SER A 78 10.71 -3.85 13.91
CA SER A 78 11.04 -2.65 13.15
C SER A 78 12.55 -2.60 12.85
N GLY A 79 12.92 -1.75 11.91
CA GLY A 79 14.32 -1.60 11.53
C GLY A 79 14.46 -0.57 10.42
N LYS A 80 15.69 -0.44 9.93
CA LYS A 80 16.01 0.42 8.79
C LYS A 80 16.79 -0.38 7.76
N THR A 81 16.59 -0.06 6.47
CA THR A 81 17.32 -0.76 5.43
C THR A 81 18.81 -0.42 5.48
N SER A 82 19.63 -1.40 5.12
CA SER A 82 21.08 -1.26 5.13
C SER A 82 21.54 -0.61 3.83
N GLU A 83 22.86 -0.64 3.60
CA GLU A 83 23.45 -0.08 2.38
C GLU A 83 22.95 -0.80 1.15
N SER A 84 22.56 -2.07 1.28
CA SER A 84 22.05 -2.80 0.14
C SER A 84 20.54 -2.65 -0.02
N GLY A 85 19.90 -1.79 0.78
CA GLY A 85 18.46 -1.65 0.70
C GLY A 85 17.70 -2.78 1.35
N GLU A 86 18.37 -3.60 2.16
CA GLU A 86 17.78 -4.79 2.74
C GLU A 86 17.63 -4.64 4.25
N LEU A 87 16.56 -5.20 4.79
CA LEU A 87 16.38 -5.30 6.23
C LEU A 87 16.21 -6.78 6.55
N HIS A 88 17.21 -7.35 7.20
CA HIS A 88 17.16 -8.72 7.70
C HIS A 88 16.99 -8.72 9.21
N GLY A 89 16.80 -9.92 9.77
CA GLY A 89 16.77 -10.06 11.21
C GLY A 89 15.56 -9.47 11.89
N LEU A 90 14.49 -9.21 11.14
CA LEU A 90 13.27 -8.67 11.74
C LEU A 90 12.71 -9.62 12.79
N THR A 91 12.74 -10.92 12.52
CA THR A 91 12.04 -11.86 13.40
C THR A 91 12.72 -13.21 13.32
N THR A 92 12.23 -14.14 14.12
CA THR A 92 12.71 -15.52 14.15
C THR A 92 11.55 -16.44 13.79
N GLU A 93 11.88 -17.70 13.48
CA GLU A 93 10.84 -18.61 13.04
C GLU A 93 9.84 -18.92 14.15
N GLU A 94 10.29 -18.97 15.41
CA GLU A 94 9.38 -19.25 16.52
C GLU A 94 8.47 -18.06 16.82
N GLU A 95 8.97 -16.84 16.66
CA GLU A 95 8.18 -15.65 16.95
C GLU A 95 7.16 -15.37 15.84
N PHE A 96 7.46 -15.78 14.60
CA PHE A 96 6.71 -15.37 13.41
C PHE A 96 5.59 -16.38 13.15
N VAL A 97 4.49 -16.21 13.87
CA VAL A 97 3.40 -17.19 13.92
C VAL A 97 2.38 -16.80 12.86
N GLU A 98 1.40 -17.70 12.62
CA GLU A 98 0.26 -17.36 11.77
C GLU A 98 -0.34 -16.03 12.23
N GLY A 99 -0.79 -15.25 11.26
CA GLY A 99 -1.52 -14.04 11.58
C GLY A 99 -1.56 -13.14 10.37
N ILE A 100 -2.18 -11.98 10.58
CA ILE A 100 -2.21 -10.93 9.58
C ILE A 100 -1.20 -9.87 10.01
N TYR A 101 -0.28 -9.57 9.13
CA TYR A 101 0.82 -8.67 9.41
C TYR A 101 0.73 -7.48 8.48
N LYS A 102 1.22 -6.35 8.95
CA LYS A 102 1.30 -5.15 8.14
C LYS A 102 2.72 -4.60 8.23
N VAL A 103 3.30 -4.30 7.08
CA VAL A 103 4.62 -3.70 6.94
C VAL A 103 4.40 -2.27 6.46
N GLU A 104 4.79 -1.30 7.27
CA GLU A 104 4.62 0.11 6.97
C GLU A 104 6.02 0.66 6.69
N ILE A 105 6.27 1.03 5.45
CA ILE A 105 7.57 1.52 5.00
C ILE A 105 7.50 3.04 4.95
N ASP A 106 8.33 3.72 5.72
CA ASP A 106 8.22 5.17 5.85
C ASP A 106 8.84 5.84 4.62
N THR A 107 8.10 5.79 3.51
CA THR A 107 8.63 6.34 2.26
C THR A 107 8.68 7.87 2.27
N LYS A 108 7.77 8.51 3.00
CA LYS A 108 7.75 9.97 3.02
C LYS A 108 9.07 10.53 3.56
N SER A 109 9.54 9.99 4.68
CA SER A 109 10.78 10.48 5.27
C SER A 109 11.98 10.22 4.36
N TYR A 110 11.94 9.13 3.59
CA TYR A 110 13.03 8.86 2.65
C TYR A 110 13.10 9.93 1.56
N TRP A 111 11.96 10.25 0.93
CA TRP A 111 11.97 11.25 -0.14
C TRP A 111 12.33 12.64 0.39
N LYS A 112 11.92 12.97 1.61
CA LYS A 112 12.16 14.32 2.11
C LYS A 112 13.63 14.51 2.50
N ALA A 113 14.27 13.48 3.03
CA ALA A 113 15.73 13.56 3.23
C ALA A 113 16.49 13.69 1.92
N LEU A 114 15.81 13.53 0.80
CA LEU A 114 16.40 13.74 -0.52
C LEU A 114 15.93 15.04 -1.17
N GLY A 115 15.13 15.85 -0.47
CA GLY A 115 14.67 17.13 -0.97
C GLY A 115 13.42 17.08 -1.81
N ILE A 116 12.82 15.92 -1.97
CA ILE A 116 11.63 15.76 -2.80
C ILE A 116 10.41 15.74 -1.89
N SER A 117 9.29 16.28 -2.38
CA SER A 117 8.02 16.20 -1.67
C SER A 117 7.20 15.08 -2.29
N PRO A 118 7.03 13.94 -1.62
CA PRO A 118 6.37 12.79 -2.25
C PRO A 118 4.85 12.83 -2.08
N PHE A 119 4.19 12.05 -2.93
CA PHE A 119 2.75 11.94 -2.84
C PHE A 119 2.32 11.10 -1.65
N HIS A 120 2.89 9.90 -1.49
CA HIS A 120 2.43 8.98 -0.46
C HIS A 120 3.05 9.29 0.90
N GLU A 121 2.30 8.98 1.96
CA GLU A 121 2.81 9.11 3.32
C GLU A 121 3.66 7.92 3.70
N HIS A 122 3.26 6.73 3.28
CA HIS A 122 4.04 5.53 3.47
C HIS A 122 3.47 4.49 2.54
N ALA A 123 4.21 3.40 2.38
CA ALA A 123 3.76 2.24 1.62
C ALA A 123 3.41 1.16 2.63
N GLU A 124 2.18 0.67 2.57
CA GLU A 124 1.71 -0.38 3.46
C GLU A 124 1.53 -1.67 2.68
N VAL A 125 1.94 -2.78 3.29
CA VAL A 125 1.74 -4.11 2.74
C VAL A 125 1.08 -4.94 3.83
N VAL A 126 -0.13 -5.43 3.56
CA VAL A 126 -0.89 -6.22 4.54
C VAL A 126 -1.16 -7.60 3.95
N PHE A 127 -0.80 -8.65 4.70
CA PHE A 127 -0.92 -10.00 4.18
C PHE A 127 -1.07 -10.99 5.33
N THR A 128 -1.69 -12.13 5.04
CA THR A 128 -1.74 -13.24 5.98
C THR A 128 -0.46 -14.08 5.82
N ALA A 129 0.18 -14.39 6.93
CA ALA A 129 1.43 -15.12 6.89
C ALA A 129 1.29 -16.46 7.60
N ASN A 130 1.89 -17.49 7.01
CA ASN A 130 2.06 -18.81 7.62
C ASN A 130 0.77 -19.59 7.80
N ASP A 131 -0.26 -19.28 7.01
CA ASP A 131 -1.55 -19.93 7.19
C ASP A 131 -1.49 -21.44 6.95
N SER A 132 -0.64 -21.89 6.03
CA SER A 132 -0.49 -23.31 5.74
C SER A 132 0.83 -23.88 6.27
N GLY A 133 1.39 -23.25 7.30
CA GLY A 133 2.69 -23.65 7.80
C GLY A 133 3.72 -22.57 7.54
N PRO A 134 4.92 -22.74 8.11
CA PRO A 134 5.94 -21.69 8.00
C PRO A 134 6.44 -21.53 6.58
N ARG A 135 6.60 -20.27 6.17
CA ARG A 135 7.17 -19.89 4.88
C ARG A 135 8.25 -18.84 5.14
N ARG A 136 9.05 -18.56 4.11
CA ARG A 136 9.97 -17.44 4.11
C ARG A 136 9.40 -16.37 3.20
N TYR A 137 9.43 -15.11 3.64
CA TYR A 137 8.78 -14.02 2.94
C TYR A 137 9.80 -12.94 2.61
N THR A 138 9.88 -12.56 1.35
CA THR A 138 10.61 -11.37 0.95
C THR A 138 9.59 -10.38 0.44
N ILE A 139 9.48 -9.25 1.12
CA ILE A 139 8.64 -8.15 0.68
C ILE A 139 9.56 -7.16 0.00
N ALA A 140 9.31 -6.88 -1.27
CA ALA A 140 10.15 -5.94 -2.00
C ALA A 140 9.29 -4.76 -2.44
N ALA A 141 9.90 -3.57 -2.45
CA ALA A 141 9.21 -2.36 -2.84
C ALA A 141 10.12 -1.53 -3.72
N LEU A 142 9.53 -0.92 -4.75
CA LEU A 142 10.24 -0.03 -5.65
C LEU A 142 9.55 1.32 -5.58
N LEU A 143 10.32 2.38 -5.29
CA LEU A 143 9.76 3.66 -4.88
C LEU A 143 10.03 4.76 -5.93
N SER A 144 8.99 5.55 -6.20
CA SER A 144 9.09 6.82 -6.91
C SER A 144 8.37 7.89 -6.12
N PRO A 145 8.60 9.17 -6.43
CA PRO A 145 7.92 10.21 -5.66
C PRO A 145 6.40 10.10 -5.69
N TYR A 146 5.83 9.74 -6.83
CA TYR A 146 4.37 9.69 -6.97
C TYR A 146 3.85 8.28 -7.16
N SER A 147 4.70 7.28 -6.92
CA SER A 147 4.31 5.93 -7.28
C SER A 147 5.16 4.96 -6.48
N TYR A 148 4.61 3.76 -6.27
CA TYR A 148 5.43 2.66 -5.79
C TYR A 148 4.81 1.35 -6.22
N SER A 149 5.64 0.32 -6.24
CA SER A 149 5.22 -1.03 -6.55
C SER A 149 5.71 -1.91 -5.42
N THR A 150 4.94 -2.94 -5.09
CA THR A 150 5.36 -3.89 -4.08
C THR A 150 5.04 -5.29 -4.56
N THR A 151 5.91 -6.23 -4.20
CA THR A 151 5.70 -7.62 -4.54
C THR A 151 6.21 -8.49 -3.40
N ALA A 152 5.79 -9.74 -3.40
CA ALA A 152 6.22 -10.67 -2.37
C ALA A 152 6.73 -11.93 -3.04
N VAL A 153 7.86 -12.44 -2.56
CA VAL A 153 8.36 -13.78 -2.91
C VAL A 153 8.16 -14.65 -1.69
N VAL A 154 7.44 -15.75 -1.86
CA VAL A 154 7.11 -16.66 -0.78
C VAL A 154 7.73 -18.02 -1.10
N THR A 155 8.63 -18.48 -0.23
CA THR A 155 9.38 -19.71 -0.41
C THR A 155 9.08 -20.68 0.73
N ASN A 156 9.12 -21.98 0.41
CA ASN A 156 9.01 -23.04 1.43
C ASN A 156 10.32 -23.82 1.50
N CYS B 42 -14.84 16.34 -10.90
CA CYS B 42 -14.49 15.15 -10.15
C CYS B 42 -13.09 15.30 -9.56
N PRO B 43 -13.00 15.74 -8.30
CA PRO B 43 -11.67 16.02 -7.71
C PRO B 43 -10.87 14.78 -7.37
N LEU B 44 -11.50 13.61 -7.24
CA LEU B 44 -10.80 12.39 -6.86
C LEU B 44 -11.44 11.21 -7.58
N MET B 45 -10.62 10.48 -8.33
CA MET B 45 -11.08 9.32 -9.07
C MET B 45 -10.11 8.19 -8.84
N VAL B 46 -10.61 6.97 -8.90
CA VAL B 46 -9.76 5.80 -8.72
C VAL B 46 -9.93 4.91 -9.92
N LYS B 47 -8.82 4.42 -10.46
CA LYS B 47 -8.83 3.50 -11.59
C LYS B 47 -8.04 2.27 -11.23
N VAL B 48 -8.61 1.09 -11.46
CA VAL B 48 -7.97 -0.17 -11.09
C VAL B 48 -7.88 -1.08 -12.29
N LEU B 49 -6.69 -1.64 -12.52
CA LEU B 49 -6.46 -2.54 -13.65
C LEU B 49 -6.01 -3.90 -13.14
N ASP B 50 -6.26 -4.92 -13.94
CA ASP B 50 -5.91 -6.31 -13.63
C ASP B 50 -4.78 -6.73 -14.57
N ALA B 51 -3.62 -7.05 -14.00
CA ALA B 51 -2.42 -7.42 -14.75
C ALA B 51 -2.40 -8.89 -15.18
N VAL B 52 -3.31 -9.71 -14.65
CA VAL B 52 -3.37 -11.12 -15.04
C VAL B 52 -4.27 -11.32 -16.25
N ARG B 53 -5.38 -10.60 -16.29
CA ARG B 53 -6.34 -10.74 -17.39
C ARG B 53 -6.28 -9.60 -18.39
N GLY B 54 -5.44 -8.60 -18.16
CA GLY B 54 -5.29 -7.52 -19.11
C GLY B 54 -6.58 -6.74 -19.35
N SER B 55 -7.21 -6.32 -18.26
CA SER B 55 -8.53 -5.72 -18.34
C SER B 55 -8.68 -4.76 -17.16
N PRO B 56 -9.71 -3.93 -17.19
CA PRO B 56 -10.05 -3.19 -15.98
C PRO B 56 -10.51 -4.16 -14.90
N ALA B 57 -10.27 -3.77 -13.64
CA ALA B 57 -10.70 -4.56 -12.49
C ALA B 57 -12.10 -4.09 -12.13
N ILE B 58 -13.08 -4.88 -12.50
CA ILE B 58 -14.49 -4.51 -12.38
C ILE B 58 -15.04 -4.96 -11.04
N ASN B 59 -15.96 -4.17 -10.49
CA ASN B 59 -16.67 -4.51 -9.26
C ASN B 59 -15.74 -4.62 -8.05
N VAL B 60 -14.63 -3.87 -8.06
CA VAL B 60 -13.73 -3.86 -6.92
C VAL B 60 -14.25 -2.86 -5.88
N ALA B 61 -14.44 -3.33 -4.66
CA ALA B 61 -14.89 -2.47 -3.58
C ALA B 61 -13.71 -1.71 -2.98
N MET B 62 -13.96 -0.47 -2.58
CA MET B 62 -12.93 0.29 -1.89
C MET B 62 -13.59 1.32 -0.99
N HIS B 63 -12.90 1.66 0.10
CA HIS B 63 -13.32 2.69 1.03
C HIS B 63 -12.24 3.76 1.09
N VAL B 64 -12.65 5.01 1.22
CA VAL B 64 -11.74 6.13 1.38
C VAL B 64 -11.90 6.67 2.80
N PHE B 65 -10.77 6.86 3.47
CA PHE B 65 -10.76 7.37 4.83
C PHE B 65 -9.97 8.67 4.85
N ARG B 66 -10.27 9.52 5.82
CA ARG B 66 -9.53 10.75 6.05
C ARG B 66 -9.05 10.73 7.49
N LYS B 67 -7.81 11.16 7.70
CA LYS B 67 -7.23 11.08 9.04
C LYS B 67 -7.88 12.12 9.94
N ALA B 68 -8.26 11.70 11.14
CA ALA B 68 -8.86 12.59 12.12
C ALA B 68 -7.79 13.11 13.08
N ALA B 69 -8.11 14.22 13.76
CA ALA B 69 -7.16 14.83 14.69
C ALA B 69 -6.74 13.85 15.77
N ASP B 70 -7.60 12.91 16.13
CA ASP B 70 -7.32 11.91 17.14
C ASP B 70 -6.59 10.70 16.59
N ASP B 71 -5.98 10.82 15.40
CA ASP B 71 -5.24 9.72 14.76
C ASP B 71 -6.11 8.48 14.57
N THR B 72 -7.32 8.69 14.03
CA THR B 72 -8.17 7.59 13.60
C THR B 72 -8.69 7.86 12.20
N TRP B 73 -8.92 6.79 11.45
CA TRP B 73 -9.43 6.88 10.09
C TRP B 73 -10.94 6.98 10.13
N GLU B 74 -11.48 8.15 9.76
CA GLU B 74 -12.93 8.19 9.67
C GLU B 74 -13.37 7.94 8.23
N PRO B 75 -14.47 7.19 8.05
CA PRO B 75 -14.97 6.95 6.70
C PRO B 75 -15.26 8.26 5.98
N PHE B 76 -14.91 8.32 4.70
CA PHE B 76 -15.06 9.51 3.89
C PHE B 76 -15.92 9.24 2.67
N ALA B 77 -15.66 8.15 1.95
CA ALA B 77 -16.38 7.80 0.74
C ALA B 77 -16.09 6.35 0.43
N SER B 78 -16.92 5.76 -0.44
CA SER B 78 -16.65 4.41 -0.90
C SER B 78 -17.47 4.14 -2.14
N GLY B 79 -17.23 2.97 -2.74
CA GLY B 79 -17.92 2.57 -3.94
C GLY B 79 -17.28 1.33 -4.52
N LYS B 80 -17.75 0.94 -5.70
CA LYS B 80 -17.21 -0.21 -6.42
C LYS B 80 -16.88 0.22 -7.84
N THR B 81 -15.74 -0.24 -8.35
CA THR B 81 -15.33 0.16 -9.69
C THR B 81 -16.36 -0.30 -10.72
N SER B 82 -16.45 0.45 -11.80
CA SER B 82 -17.39 0.20 -12.88
C SER B 82 -16.76 -0.77 -13.88
N GLU B 83 -17.45 -0.97 -15.01
CA GLU B 83 -16.96 -1.84 -16.08
C GLU B 83 -15.69 -1.30 -16.71
N SER B 84 -15.45 -0.01 -16.62
CA SER B 84 -14.20 0.57 -17.07
C SER B 84 -13.13 0.50 -15.99
N GLY B 85 -13.44 -0.11 -14.84
CA GLY B 85 -12.49 -0.17 -13.75
C GLY B 85 -12.31 1.11 -13.00
N GLU B 86 -13.18 2.10 -13.21
CA GLU B 86 -13.06 3.42 -12.62
C GLU B 86 -14.15 3.62 -11.58
N LEU B 87 -13.82 4.40 -10.56
CA LEU B 87 -14.78 4.79 -9.54
C LEU B 87 -14.82 6.31 -9.49
N HIS B 88 -15.94 6.88 -9.90
CA HIS B 88 -16.13 8.32 -10.01
C HIS B 88 -17.10 8.80 -8.92
N GLY B 89 -17.25 10.12 -8.84
CA GLY B 89 -18.22 10.69 -7.91
C GLY B 89 -17.96 10.37 -6.46
N LEU B 90 -16.71 10.08 -6.11
CA LEU B 90 -16.40 9.82 -4.70
C LEU B 90 -16.69 11.03 -3.83
N THR B 91 -16.30 12.22 -4.30
CA THR B 91 -16.39 13.40 -3.46
C THR B 91 -16.60 14.63 -4.32
N THR B 92 -16.85 15.76 -3.66
CA THR B 92 -17.00 17.05 -4.33
C THR B 92 -15.85 17.96 -3.94
N GLU B 93 -15.66 19.01 -4.73
CA GLU B 93 -14.55 19.92 -4.50
C GLU B 93 -14.63 20.57 -3.11
N GLU B 94 -15.85 20.81 -2.62
CA GLU B 94 -16.00 21.44 -1.32
C GLU B 94 -15.60 20.50 -0.17
N GLU B 95 -15.86 19.19 -0.30
CA GLU B 95 -15.55 18.24 0.77
C GLU B 95 -14.09 17.81 0.78
N PHE B 96 -13.44 17.79 -0.38
CA PHE B 96 -12.09 17.26 -0.52
C PHE B 96 -11.11 18.37 -0.14
N VAL B 97 -10.85 18.47 1.16
CA VAL B 97 -9.95 19.47 1.70
C VAL B 97 -8.59 18.84 1.91
N GLU B 98 -7.57 19.67 2.12
CA GLU B 98 -6.24 19.18 2.45
C GLU B 98 -6.31 18.24 3.65
N GLY B 99 -5.41 17.27 3.66
CA GLY B 99 -5.38 16.29 4.74
C GLY B 99 -4.71 15.03 4.26
N ILE B 100 -4.72 14.03 5.12
CA ILE B 100 -4.17 12.72 4.80
C ILE B 100 -5.34 11.78 4.57
N TYR B 101 -5.29 11.07 3.47
CA TYR B 101 -6.36 10.22 3.02
C TYR B 101 -5.80 8.83 2.80
N LYS B 102 -6.66 7.83 2.99
CA LYS B 102 -6.28 6.44 2.80
C LYS B 102 -7.33 5.83 1.88
N VAL B 103 -6.88 5.15 0.83
CA VAL B 103 -7.76 4.39 -0.04
C VAL B 103 -7.45 2.91 0.18
N GLU B 104 -8.45 2.15 0.61
CA GLU B 104 -8.28 0.74 0.94
C GLU B 104 -9.08 -0.04 -0.10
N ILE B 105 -8.37 -0.76 -0.95
CA ILE B 105 -8.96 -1.45 -2.09
C ILE B 105 -9.05 -2.93 -1.73
N ASP B 106 -10.25 -3.50 -1.74
CA ASP B 106 -10.42 -4.89 -1.33
C ASP B 106 -9.99 -5.85 -2.44
N THR B 107 -8.67 -5.94 -2.60
CA THR B 107 -8.11 -6.80 -3.64
C THR B 107 -8.33 -8.27 -3.33
N LYS B 108 -8.39 -8.64 -2.04
CA LYS B 108 -8.51 -10.06 -1.72
C LYS B 108 -9.82 -10.64 -2.25
N SER B 109 -10.93 -9.91 -2.08
CA SER B 109 -12.22 -10.35 -2.59
C SER B 109 -12.25 -10.39 -4.11
N TYR B 110 -11.53 -9.48 -4.75
CA TYR B 110 -11.46 -9.49 -6.21
C TYR B 110 -10.83 -10.77 -6.73
N TRP B 111 -9.66 -11.15 -6.18
CA TRP B 111 -8.97 -12.34 -6.64
C TRP B 111 -9.75 -13.61 -6.30
N LYS B 112 -10.34 -13.67 -5.11
CA LYS B 112 -11.14 -14.83 -4.75
C LYS B 112 -12.31 -15.02 -5.71
N ALA B 113 -12.92 -13.92 -6.15
CA ALA B 113 -14.02 -14.01 -7.12
C ALA B 113 -13.56 -14.61 -8.45
N LEU B 114 -12.30 -14.43 -8.83
CA LEU B 114 -11.74 -15.04 -10.03
C LEU B 114 -11.18 -16.43 -9.80
N GLY B 115 -11.18 -16.91 -8.55
CA GLY B 115 -10.59 -18.20 -8.25
C GLY B 115 -9.09 -18.21 -8.16
N ILE B 116 -8.48 -17.13 -7.68
CA ILE B 116 -7.03 -16.97 -7.66
C ILE B 116 -6.61 -16.64 -6.23
N SER B 117 -5.62 -17.36 -5.74
CA SER B 117 -5.15 -17.20 -4.36
C SER B 117 -4.28 -15.94 -4.25
N PRO B 118 -4.73 -14.92 -3.51
CA PRO B 118 -4.00 -13.66 -3.46
C PRO B 118 -3.07 -13.56 -2.27
N PHE B 119 -2.05 -12.71 -2.36
CA PHE B 119 -1.15 -12.48 -1.24
C PHE B 119 -1.66 -11.44 -0.25
N HIS B 120 -2.12 -10.29 -0.74
CA HIS B 120 -2.47 -9.17 0.14
C HIS B 120 -3.90 -9.26 0.67
N GLU B 121 -4.10 -8.75 1.89
CA GLU B 121 -5.45 -8.61 2.43
C GLU B 121 -6.21 -7.51 1.70
N HIS B 122 -5.56 -6.37 1.47
CA HIS B 122 -6.09 -5.32 0.62
C HIS B 122 -4.89 -4.51 0.12
N ALA B 123 -5.17 -3.61 -0.81
CA ALA B 123 -4.17 -2.65 -1.25
C ALA B 123 -4.51 -1.30 -0.63
N GLU B 124 -3.52 -0.70 0.02
CA GLU B 124 -3.71 0.58 0.70
C GLU B 124 -2.86 1.64 0.04
N VAL B 125 -3.45 2.83 -0.14
CA VAL B 125 -2.77 3.98 -0.71
C VAL B 125 -3.03 5.12 0.25
N VAL B 126 -1.99 5.60 0.91
CA VAL B 126 -2.12 6.67 1.90
C VAL B 126 -1.35 7.87 1.38
N PHE B 127 -2.01 9.02 1.32
CA PHE B 127 -1.41 10.16 0.65
C PHE B 127 -1.89 11.47 1.27
N THR B 128 -1.12 12.52 1.04
CA THR B 128 -1.48 13.87 1.45
C THR B 128 -2.09 14.59 0.27
N ALA B 129 -3.24 15.21 0.48
CA ALA B 129 -3.83 16.10 -0.51
C ALA B 129 -3.42 17.51 -0.11
N ASN B 130 -2.63 18.17 -0.93
CA ASN B 130 -2.18 19.53 -0.66
C ASN B 130 -2.75 20.49 -1.70
N ASP B 131 -3.21 21.65 -1.23
CA ASP B 131 -3.76 22.69 -2.10
C ASP B 131 -2.63 23.56 -2.63
N SER B 132 -2.31 23.41 -3.91
CA SER B 132 -1.38 24.30 -4.60
C SER B 132 -1.84 24.35 -6.06
N GLY B 133 -2.68 25.34 -6.37
CA GLY B 133 -3.33 25.39 -7.66
C GLY B 133 -4.48 24.41 -7.76
N PRO B 134 -5.32 24.55 -8.81
CA PRO B 134 -6.44 23.63 -8.98
C PRO B 134 -6.00 22.21 -9.35
N ARG B 135 -6.21 21.25 -8.45
CA ARG B 135 -5.69 19.90 -8.60
C ARG B 135 -6.84 18.89 -8.63
N ARG B 136 -6.83 18.01 -9.64
CA ARG B 136 -7.65 16.81 -9.64
C ARG B 136 -6.74 15.60 -9.49
N TYR B 137 -7.15 14.66 -8.65
CA TYR B 137 -6.36 13.48 -8.32
C TYR B 137 -7.00 12.26 -8.95
N THR B 138 -6.23 11.53 -9.74
CA THR B 138 -6.57 10.17 -10.12
C THR B 138 -5.61 9.24 -9.40
N ILE B 139 -6.14 8.32 -8.62
CA ILE B 139 -5.35 7.25 -8.00
C ILE B 139 -5.51 6.04 -8.90
N ALA B 140 -4.41 5.52 -9.40
CA ALA B 140 -4.48 4.35 -10.26
C ALA B 140 -3.73 3.22 -9.60
N ALA B 141 -4.22 2.00 -9.83
CA ALA B 141 -3.63 0.81 -9.24
C ALA B 141 -3.64 -0.31 -10.25
N LEU B 142 -2.52 -1.02 -10.33
CA LEU B 142 -2.40 -2.21 -11.18
C LEU B 142 -2.18 -3.41 -10.27
N LEU B 143 -3.03 -4.42 -10.40
CA LEU B 143 -3.11 -5.52 -9.45
C LEU B 143 -2.63 -6.83 -10.06
N SER B 144 -1.85 -7.57 -9.27
CA SER B 144 -1.51 -8.96 -9.51
C SER B 144 -1.74 -9.73 -8.21
N PRO B 145 -1.83 -11.06 -8.27
CA PRO B 145 -2.06 -11.82 -7.02
C PRO B 145 -1.03 -11.53 -5.95
N TYR B 146 0.26 -11.48 -6.33
CA TYR B 146 1.31 -11.31 -5.34
C TYR B 146 2.00 -9.95 -5.43
N SER B 147 1.38 -8.99 -6.11
CA SER B 147 2.06 -7.73 -6.34
C SER B 147 1.01 -6.68 -6.65
N TYR B 148 1.32 -5.43 -6.33
CA TYR B 148 0.51 -4.34 -6.85
C TYR B 148 1.38 -3.10 -7.03
N SER B 149 0.96 -2.24 -7.93
CA SER B 149 1.61 -0.96 -8.17
C SER B 149 0.55 0.11 -8.16
N THR B 150 0.93 1.28 -7.68
CA THR B 150 -0.01 2.40 -7.63
C THR B 150 0.74 3.67 -7.96
N THR B 151 0.03 4.60 -8.58
CA THR B 151 0.61 5.89 -8.91
C THR B 151 -0.50 6.93 -8.82
N ALA B 152 -0.07 8.19 -8.78
CA ALA B 152 -1.00 9.31 -8.74
C ALA B 152 -0.80 10.11 -10.01
N VAL B 153 -1.90 10.48 -10.65
CA VAL B 153 -1.90 11.42 -11.74
C VAL B 153 -2.61 12.67 -11.24
N VAL B 154 -1.85 13.72 -10.98
CA VAL B 154 -2.39 15.01 -10.58
C VAL B 154 -2.36 15.91 -11.81
N THR B 155 -3.48 16.55 -12.11
CA THR B 155 -3.56 17.42 -13.28
C THR B 155 -4.35 18.68 -12.93
N ASN B 156 -4.27 19.65 -13.83
CA ASN B 156 -5.14 20.83 -13.80
C ASN B 156 -6.06 20.77 -15.01
CAA 91C C . 8.34 -4.04 -8.69
CAB 91C C . 9.37 -4.54 -9.48
CAC 91C C . 8.42 -4.23 -7.31
CAD 91C C . 9.48 -4.88 -6.73
CAE 91C C . 10.48 -5.36 -7.53
CAG 91C C . 10.44 -5.19 -8.91
CAH 91C C . 11.44 -5.70 -9.71
CAI 91C C . 12.39 -6.51 -9.11
CAJ 91C C . 12.70 -5.97 -7.73
CAL 91C C . 13.73 -6.81 -6.99
CAM 91C C . 13.27 -7.82 -6.14
CAN 91C C . 15.10 -6.58 -7.13
CAO 91C C . 16.01 -7.36 -6.43
CAP 91C C . 15.53 -8.36 -5.60
CAQ 91C C . 14.17 -8.61 -5.44
OAF 91C C . 11.53 -6.00 -6.95
OAK 91C C . 11.42 -5.51 -10.93
OAR 91C C . 16.42 -9.12 -4.93
OAT 91C C . 7.47 -3.78 -6.51
OAU 91C C . 9.39 -4.42 -10.84
CLS 91C C . 17.74 -7.12 -6.60
CLV 91C C . 13.58 -9.88 -4.39
CAA 91C D . 1.74 0.07 -13.98
CAB 91C D . 0.78 0.74 -13.24
CAC 91C D . 1.66 0.12 -15.37
CAD 91C D . 0.65 0.81 -16.01
CAE 91C D . -0.31 1.47 -15.25
CAG 91C D . -0.24 1.44 -13.87
CAH 91C D . -1.19 2.07 -13.09
CAI 91C D . -2.30 2.62 -13.73
CAJ 91C D . -1.88 3.20 -15.06
CAL 91C D . -3.09 3.77 -15.80
CAM 91C D . -3.62 3.05 -16.88
CAN 91C D . -3.66 4.98 -15.43
CAO 91C D . -4.76 5.48 -16.12
CAP 91C D . -5.26 4.74 -17.19
CAQ 91C D . -4.71 3.53 -17.57
OAF 91C D . -1.32 2.16 -15.86
OAK 91C D . -1.09 2.06 -11.86
OAR 91C D . -6.34 5.23 -17.87
OAT 91C D . 2.57 -0.52 -16.11
OAU 91C D . 0.77 0.74 -11.89
CLS 91C D . -5.52 7.03 -15.68
CLV 91C D . -5.38 2.63 -18.93
#